data_406D
#
_entry.id   406D
#
_cell.length_a   39.627
_cell.length_b   39.627
_cell.length_c   91.018
_cell.angle_alpha   90.00
_cell.angle_beta   90.00
_cell.angle_gamma   120.00
#
_symmetry.space_group_name_H-M   'P 3'
#
loop_
_entity.id
_entity.type
_entity.pdbx_description
1 polymer "RNA (5'-R(*CP*AP*CP*CP*GP*GP*AP*UP*GP*GP*UP*(5BU)P*CP*GP*GP*UP*G)-3')"
2 water water
#
_entity_poly.entity_id   1
_entity_poly.type   'polyribonucleotide'
_entity_poly.pdbx_seq_one_letter_code
;CACCGGAUGGU(5BU)CGGUG
;
_entity_poly.pdbx_strand_id   A,E
#